data_2WJH
#
_entry.id   2WJH
#
_cell.length_a   104.200
_cell.length_b   50.400
_cell.length_c   94.700
_cell.angle_alpha   90.00
_cell.angle_beta   120.60
_cell.angle_gamma   90.00
#
_symmetry.space_group_name_H-M   'C 1 2 1'
#
loop_
_entity.id
_entity.type
_entity.pdbx_description
1 polymer 'FERROUS IRON TRANSPORT PROTEIN B HOMOLOG'
2 non-polymer "GUANOSINE-5'-DIPHOSPHATE"
3 non-polymer 'MAGNESIUM ION'
4 non-polymer 'CITRATE ANION'
5 water water
#
_entity_poly.entity_id   1
_entity_poly.type   'polypeptide(L)'
_entity_poly.pdbx_seq_one_letter_code
;MKSYEIALIGNPNVGKSTIFNALTGENVYIGNWPGVTVEKKEGEFEYNGEKFKVVDLPGVYSLTANSIDEIIARDYIINE
KPDLVVNIVDATALERNLYLTLQLMEMGANLLLALNKMDLAKSLGIEIDVDKLEKILGVKVVPLSAAKKMGIEELKKAIS
IAVKDL
;
_entity_poly.pdbx_strand_id   A,B
#
loop_
_chem_comp.id
_chem_comp.type
_chem_comp.name
_chem_comp.formula
FLC non-polymer 'CITRATE ANION' 'C6 H5 O7 -3'
GDP RNA linking GUANOSINE-5'-DIPHOSPHATE 'C10 H15 N5 O11 P2'
MG non-polymer 'MAGNESIUM ION' 'Mg 2'
#
# COMPACT_ATOMS: atom_id res chain seq x y z
N MET A 1 -37.39 -1.47 -12.82
CA MET A 1 -36.10 -2.11 -13.10
C MET A 1 -35.64 -2.86 -11.86
N LYS A 2 -35.16 -4.09 -12.07
CA LYS A 2 -34.64 -4.88 -10.98
C LYS A 2 -33.40 -4.17 -10.47
N SER A 3 -33.28 -4.05 -9.14
CA SER A 3 -32.16 -3.32 -8.53
C SER A 3 -31.51 -4.14 -7.42
N TYR A 4 -30.18 -4.09 -7.35
CA TYR A 4 -29.42 -4.75 -6.30
C TYR A 4 -28.57 -3.71 -5.62
N GLU A 5 -27.99 -4.06 -4.48
CA GLU A 5 -27.11 -3.13 -3.80
C GLU A 5 -25.81 -3.87 -3.49
N ILE A 6 -24.70 -3.32 -3.98
CA ILE A 6 -23.41 -3.94 -3.78
C ILE A 6 -22.51 -2.96 -3.05
N ALA A 7 -21.44 -3.49 -2.45
CA ALA A 7 -20.51 -2.69 -1.69
C ALA A 7 -19.11 -3.03 -2.10
N LEU A 8 -18.27 -2.01 -2.09
CA LEU A 8 -16.87 -2.20 -2.40
C LEU A 8 -16.09 -2.05 -1.08
N ILE A 9 -15.09 -2.91 -0.89
CA ILE A 9 -14.25 -2.86 0.28
C ILE A 9 -12.87 -3.37 -0.08
N GLY A 10 -11.86 -2.94 0.65
CA GLY A 10 -10.54 -3.54 0.51
C GLY A 10 -9.56 -2.82 1.39
N ASN A 11 -8.31 -3.28 1.40
CA ASN A 11 -7.23 -2.56 2.08
C ASN A 11 -7.03 -1.14 1.52
N PRO A 12 -6.46 -0.24 2.34
CA PRO A 12 -6.12 1.08 1.80
C PRO A 12 -5.18 0.98 0.57
N ASN A 13 -5.34 1.87 -0.41
CA ASN A 13 -4.42 1.92 -1.55
C ASN A 13 -4.48 0.72 -2.51
N VAL A 14 -5.65 0.15 -2.71
CA VAL A 14 -5.79 -0.94 -3.67
C VAL A 14 -6.40 -0.45 -5.00
N GLY A 15 -6.74 0.83 -5.06
CA GLY A 15 -7.30 1.42 -6.27
C GLY A 15 -8.81 1.35 -6.19
N LYS A 16 -9.34 1.29 -4.96
CA LYS A 16 -10.77 1.20 -4.73
C LYS A 16 -11.50 2.40 -5.29
N SER A 17 -10.92 3.58 -5.08
CA SER A 17 -11.54 4.81 -5.56
C SER A 17 -11.65 4.82 -7.09
N THR A 18 -10.59 4.36 -7.73
CA THR A 18 -10.53 4.27 -9.18
C THR A 18 -11.61 3.31 -9.71
N ILE A 19 -11.74 2.17 -9.04
CA ILE A 19 -12.75 1.19 -9.44
C ILE A 19 -14.15 1.70 -9.16
N PHE A 20 -14.31 2.37 -8.03
CA PHE A 20 -15.60 3.01 -7.73
C PHE A 20 -15.96 4.04 -8.82
N ASN A 21 -15.01 4.86 -9.22
CA ASN A 21 -15.31 5.87 -10.21
C ASN A 21 -15.62 5.27 -11.58
N ALA A 22 -14.95 4.18 -11.92
CA ALA A 22 -15.19 3.47 -13.16
C ALA A 22 -16.54 2.76 -13.17
N LEU A 23 -16.88 2.09 -12.08
CA LEU A 23 -18.10 1.31 -12.04
C LEU A 23 -19.34 2.19 -12.17
N THR A 24 -19.28 3.37 -11.54
CA THR A 24 -20.46 4.20 -11.38
C THR A 24 -20.66 5.17 -12.54
N GLY A 25 -21.89 5.61 -12.72
CA GLY A 25 -22.20 6.65 -13.69
C GLY A 25 -21.70 7.96 -13.13
N GLU A 26 -22.03 9.06 -13.77
CA GLU A 26 -21.55 10.37 -13.33
C GLU A 26 -22.20 10.82 -12.02
N ASN A 27 -23.46 10.48 -11.83
CA ASN A 27 -24.18 10.91 -10.64
C ASN A 27 -23.76 10.16 -9.36
N VAL A 28 -22.75 10.69 -8.69
CA VAL A 28 -22.23 10.09 -7.46
C VAL A 28 -22.64 10.97 -6.29
N TYR A 29 -23.14 10.34 -5.22
CA TYR A 29 -23.52 11.06 -4.02
C TYR A 29 -22.39 11.00 -3.00
N ILE A 30 -21.90 12.17 -2.60
CA ILE A 30 -20.82 12.25 -1.63
C ILE A 30 -21.33 12.77 -0.30
N GLY A 31 -21.55 11.84 0.63
CA GLY A 31 -22.05 12.22 1.94
C GLY A 31 -21.03 11.83 3.01
N ASN A 32 -21.53 11.59 4.21
CA ASN A 32 -20.69 11.09 5.27
C ASN A 32 -21.47 10.01 6.00
N TRP A 33 -20.74 9.12 6.64
CA TRP A 33 -21.35 8.12 7.50
C TRP A 33 -21.92 8.87 8.71
N PRO A 34 -23.11 8.46 9.17
CA PRO A 34 -23.80 9.13 10.29
C PRO A 34 -22.91 9.31 11.54
N GLY A 35 -22.87 10.52 12.08
CA GLY A 35 -22.22 10.80 13.34
C GLY A 35 -20.76 11.18 13.22
N VAL A 36 -20.17 10.94 12.06
CA VAL A 36 -18.73 11.16 11.90
C VAL A 36 -18.47 11.91 10.61
N THR A 37 -17.20 12.25 10.37
CA THR A 37 -16.89 12.96 9.13
C THR A 37 -16.26 12.04 8.06
N VAL A 38 -16.23 10.74 8.35
CA VAL A 38 -15.83 9.75 7.36
C VAL A 38 -16.70 9.82 6.11
N GLU A 39 -16.06 10.06 4.98
CA GLU A 39 -16.76 10.18 3.69
C GLU A 39 -17.43 8.88 3.25
N LYS A 40 -18.68 9.00 2.82
CA LYS A 40 -19.46 7.93 2.22
C LYS A 40 -19.90 8.29 0.82
N LYS A 41 -19.37 7.56 -0.17
CA LYS A 41 -19.71 7.76 -1.57
C LYS A 41 -20.66 6.68 -2.02
N GLU A 42 -21.62 7.08 -2.85
CA GLU A 42 -22.62 6.18 -3.38
C GLU A 42 -22.86 6.52 -4.84
N GLY A 43 -23.04 5.50 -5.66
CA GLY A 43 -23.24 5.68 -7.09
C GLY A 43 -24.07 4.53 -7.64
N GLU A 44 -24.20 4.47 -8.95
CA GLU A 44 -24.89 3.32 -9.52
C GLU A 44 -24.48 3.07 -10.95
N PHE A 45 -24.69 1.84 -11.42
CA PHE A 45 -24.56 1.58 -12.85
C PHE A 45 -25.64 0.61 -13.27
N GLU A 46 -26.03 0.64 -14.54
CA GLU A 46 -26.95 -0.36 -15.09
C GLU A 46 -26.18 -1.34 -15.93
N TYR A 47 -26.51 -2.62 -15.81
CA TYR A 47 -25.84 -3.61 -16.62
C TYR A 47 -26.82 -4.66 -17.10
N ASN A 48 -26.86 -4.88 -18.40
CA ASN A 48 -27.71 -5.90 -18.97
C ASN A 48 -29.15 -5.73 -18.51
N GLY A 49 -29.63 -4.48 -18.45
CA GLY A 49 -30.99 -4.21 -18.05
C GLY A 49 -31.31 -4.15 -16.56
N GLU A 50 -30.30 -4.31 -15.70
CA GLU A 50 -30.53 -4.24 -14.26
C GLU A 50 -29.72 -3.13 -13.59
N LYS A 51 -30.20 -2.65 -12.45
CA LYS A 51 -29.50 -1.57 -11.77
C LYS A 51 -28.70 -2.07 -10.57
N PHE A 52 -27.45 -1.61 -10.48
CA PHE A 52 -26.61 -1.94 -9.36
C PHE A 52 -26.21 -0.68 -8.60
N LYS A 53 -26.72 -0.57 -7.39
CA LYS A 53 -26.36 0.52 -6.50
C LYS A 53 -25.04 0.14 -5.83
N VAL A 54 -24.11 1.08 -5.85
CA VAL A 54 -22.77 0.86 -5.32
C VAL A 54 -22.53 1.78 -4.12
N VAL A 55 -22.10 1.14 -3.04
CA VAL A 55 -21.69 1.85 -1.82
C VAL A 55 -20.19 1.62 -1.66
N ASP A 56 -19.45 2.71 -1.55
CA ASP A 56 -18.05 2.59 -1.21
C ASP A 56 -17.92 2.43 0.32
N LEU A 57 -17.17 1.43 0.79
CA LEU A 57 -16.87 1.27 2.22
C LEU A 57 -15.44 1.72 2.52
N PRO A 58 -15.18 2.16 3.76
CA PRO A 58 -13.83 2.57 4.15
C PRO A 58 -12.78 1.47 3.92
N GLY A 59 -11.62 1.83 3.39
CA GLY A 59 -10.51 0.89 3.26
C GLY A 59 -10.07 0.39 4.64
N VAL A 60 -9.87 -0.92 4.79
CA VAL A 60 -9.54 -1.53 6.09
C VAL A 60 -8.67 -2.77 5.90
N TYR A 61 -7.98 -3.18 6.97
CA TYR A 61 -7.17 -4.39 6.95
C TYR A 61 -7.88 -5.56 7.61
N SER A 62 -8.91 -5.24 8.39
CA SER A 62 -9.69 -6.22 9.13
C SER A 62 -11.09 -5.71 9.44
N LEU A 63 -11.91 -6.59 9.99
CA LEU A 63 -13.22 -6.20 10.51
C LEU A 63 -13.35 -6.62 11.97
N THR A 64 -12.36 -6.25 12.77
CA THR A 64 -12.37 -6.59 14.18
C THR A 64 -12.44 -5.33 15.07
N ALA A 65 -13.11 -4.29 14.59
CA ALA A 65 -13.40 -3.12 15.43
C ALA A 65 -12.17 -2.42 15.98
N ASN A 66 -11.10 -2.34 15.18
CA ASN A 66 -9.86 -1.70 15.58
C ASN A 66 -9.80 -0.18 15.32
N SER A 67 -10.83 0.39 14.70
CA SER A 67 -10.84 1.79 14.29
C SER A 67 -12.26 2.12 13.86
N ILE A 68 -12.58 3.40 13.73
CA ILE A 68 -13.91 3.83 13.29
C ILE A 68 -14.31 3.24 11.90
N ASP A 69 -13.34 3.14 11.01
CA ASP A 69 -13.47 2.54 9.69
C ASP A 69 -13.90 1.06 9.69
N GLU A 70 -13.26 0.26 10.56
CA GLU A 70 -13.61 -1.15 10.67
C GLU A 70 -15.00 -1.29 11.25
N ILE A 71 -15.31 -0.44 12.21
CA ILE A 71 -16.64 -0.39 12.80
C ILE A 71 -17.76 0.01 11.79
N ILE A 72 -17.58 1.09 11.05
CA ILE A 72 -18.51 1.45 9.95
C ILE A 72 -18.72 0.29 8.95
N ALA A 73 -17.61 -0.23 8.43
CA ALA A 73 -17.64 -1.25 7.38
C ALA A 73 -18.37 -2.50 7.82
N ARG A 74 -18.17 -2.90 9.05
CA ARG A 74 -18.77 -4.11 9.56
C ARG A 74 -20.25 -3.89 9.84
N ASP A 75 -20.57 -2.76 10.46
CA ASP A 75 -21.96 -2.44 10.75
C ASP A 75 -22.79 -2.42 9.46
N TYR A 76 -22.25 -1.80 8.41
CA TYR A 76 -22.94 -1.79 7.14
C TYR A 76 -23.20 -3.20 6.61
N ILE A 77 -22.14 -3.99 6.49
CA ILE A 77 -22.27 -5.33 5.94
C ILE A 77 -23.33 -6.12 6.72
N ILE A 78 -23.19 -6.18 8.04
CA ILE A 78 -24.10 -7.01 8.82
C ILE A 78 -25.53 -6.47 8.83
N ASN A 79 -25.68 -5.16 8.90
CA ASN A 79 -27.03 -4.58 8.98
C ASN A 79 -27.73 -4.19 7.67
N GLU A 80 -26.95 -3.79 6.67
CA GLU A 80 -27.52 -3.41 5.38
C GLU A 80 -27.67 -4.63 4.47
N LYS A 81 -26.86 -5.64 4.73
CA LYS A 81 -26.87 -6.88 3.96
C LYS A 81 -26.88 -6.62 2.46
N PRO A 82 -25.80 -6.05 1.94
CA PRO A 82 -25.74 -5.83 0.49
C PRO A 82 -25.92 -7.16 -0.22
N ASP A 83 -26.35 -7.13 -1.47
CA ASP A 83 -26.47 -8.37 -2.22
C ASP A 83 -25.12 -8.95 -2.61
N LEU A 84 -24.11 -8.11 -2.67
CA LEU A 84 -22.76 -8.59 -2.94
C LEU A 84 -21.77 -7.65 -2.29
N VAL A 85 -20.66 -8.20 -1.78
CA VAL A 85 -19.54 -7.32 -1.52
C VAL A 85 -18.37 -7.67 -2.44
N VAL A 86 -17.85 -6.65 -3.09
CA VAL A 86 -16.70 -6.80 -3.94
C VAL A 86 -15.48 -6.46 -3.09
N ASN A 87 -14.65 -7.46 -2.89
CA ASN A 87 -13.45 -7.34 -2.09
C ASN A 87 -12.31 -7.07 -3.05
N ILE A 88 -11.88 -5.81 -3.11
CA ILE A 88 -10.85 -5.41 -4.05
C ILE A 88 -9.49 -5.64 -3.43
N VAL A 89 -8.63 -6.35 -4.15
CA VAL A 89 -7.33 -6.79 -3.65
C VAL A 89 -6.18 -6.32 -4.54
N ASP A 90 -5.07 -5.98 -3.89
CA ASP A 90 -3.86 -5.60 -4.60
C ASP A 90 -3.11 -6.85 -5.01
N ALA A 91 -3.01 -7.09 -6.33
CA ALA A 91 -2.29 -8.23 -6.86
C ALA A 91 -0.87 -8.32 -6.33
N THR A 92 -0.28 -7.18 -5.98
CA THR A 92 1.08 -7.14 -5.47
C THR A 92 1.14 -7.34 -3.96
N ALA A 93 -0.02 -7.30 -3.29
CA ALA A 93 -0.07 -7.43 -1.83
C ALA A 93 -1.24 -8.33 -1.47
N LEU A 94 -1.20 -9.54 -2.01
CA LEU A 94 -2.32 -10.45 -1.90
C LEU A 94 -2.39 -11.07 -0.51
N GLU A 95 -1.23 -11.43 0.03
CA GLU A 95 -1.17 -12.07 1.35
C GLU A 95 -1.79 -11.24 2.47
N ARG A 96 -1.51 -9.93 2.51
CA ARG A 96 -2.06 -9.11 3.58
C ARG A 96 -3.59 -8.96 3.54
N ASN A 97 -4.20 -9.28 2.41
CA ASN A 97 -5.66 -9.22 2.31
C ASN A 97 -6.35 -10.48 2.80
N LEU A 98 -5.58 -11.51 3.16
CA LEU A 98 -6.19 -12.79 3.56
C LEU A 98 -7.20 -12.62 4.68
N TYR A 99 -6.85 -11.92 5.75
CA TYR A 99 -7.75 -11.88 6.93
C TYR A 99 -9.07 -11.15 6.63
N LEU A 100 -8.98 -10.09 5.84
CA LEU A 100 -10.20 -9.39 5.38
C LEU A 100 -11.14 -10.34 4.63
N THR A 101 -10.60 -11.02 3.63
CA THR A 101 -11.41 -11.98 2.87
C THR A 101 -12.02 -13.05 3.78
N LEU A 102 -11.21 -13.61 4.67
CA LEU A 102 -11.69 -14.60 5.65
C LEU A 102 -12.80 -14.10 6.59
N GLN A 103 -12.66 -12.87 7.06
CA GLN A 103 -13.65 -12.29 7.98
C GLN A 103 -14.96 -11.93 7.24
N LEU A 104 -14.84 -11.50 5.99
CA LEU A 104 -16.02 -11.32 5.14
C LEU A 104 -16.79 -12.62 5.02
N MET A 105 -16.08 -13.72 4.79
CA MET A 105 -16.77 -15.01 4.69
C MET A 105 -17.38 -15.39 6.02
N GLU A 106 -16.65 -15.14 7.09
CA GLU A 106 -17.10 -15.57 8.41
C GLU A 106 -18.43 -14.90 8.76
N MET A 107 -18.53 -13.61 8.49
CA MET A 107 -19.78 -12.90 8.78
C MET A 107 -20.88 -13.22 7.75
N GLY A 108 -20.54 -14.05 6.76
CA GLY A 108 -21.54 -14.55 5.83
C GLY A 108 -21.81 -13.63 4.64
N ALA A 109 -20.81 -12.89 4.21
CA ALA A 109 -21.02 -11.95 3.10
C ALA A 109 -21.00 -12.72 1.78
N ASN A 110 -21.96 -12.43 0.90
CA ASN A 110 -21.89 -12.96 -0.46
C ASN A 110 -20.76 -12.22 -1.15
N LEU A 111 -19.78 -12.96 -1.66
CA LEU A 111 -18.49 -12.36 -1.99
C LEU A 111 -18.04 -12.53 -3.44
N LEU A 112 -17.28 -11.56 -3.93
CA LEU A 112 -16.60 -11.61 -5.23
C LEU A 112 -15.30 -10.85 -5.07
N LEU A 113 -14.22 -11.39 -5.64
CA LEU A 113 -12.91 -10.76 -5.50
C LEU A 113 -12.47 -10.10 -6.80
N ALA A 114 -12.05 -8.84 -6.69
CA ALA A 114 -11.51 -8.13 -7.85
C ALA A 114 -10.01 -7.97 -7.60
N LEU A 115 -9.21 -8.57 -8.46
CA LEU A 115 -7.77 -8.54 -8.30
C LEU A 115 -7.18 -7.43 -9.17
N ASN A 116 -6.82 -6.34 -8.51
CA ASN A 116 -6.41 -5.10 -9.18
C ASN A 116 -4.89 -4.96 -9.27
N LYS A 117 -4.44 -4.00 -10.08
CA LYS A 117 -3.01 -3.75 -10.28
C LYS A 117 -2.27 -4.98 -10.84
N MET A 118 -2.95 -5.76 -11.69
CA MET A 118 -2.30 -6.87 -12.39
C MET A 118 -1.15 -6.36 -13.24
N ASP A 119 -1.35 -5.21 -13.90
CA ASP A 119 -0.27 -4.59 -14.67
C ASP A 119 0.99 -4.36 -13.82
N LEU A 120 0.80 -3.86 -12.60
CA LEU A 120 1.92 -3.57 -11.70
C LEU A 120 2.62 -4.85 -11.27
N ALA A 121 1.85 -5.88 -10.96
CA ALA A 121 2.42 -7.18 -10.67
C ALA A 121 3.19 -7.70 -11.89
N LYS A 122 2.63 -7.49 -13.07
CA LYS A 122 3.31 -7.86 -14.31
C LYS A 122 4.69 -7.22 -14.41
N SER A 123 4.74 -5.91 -14.24
CA SER A 123 6.01 -5.18 -14.30
C SER A 123 6.98 -5.56 -13.17
N LEU A 124 6.44 -6.04 -12.06
CA LEU A 124 7.26 -6.38 -10.89
C LEU A 124 7.64 -7.86 -10.89
N GLY A 125 7.32 -8.54 -11.99
CA GLY A 125 7.58 -9.97 -12.11
C GLY A 125 6.93 -10.79 -11.01
N ILE A 126 5.78 -10.35 -10.52
CA ILE A 126 5.01 -11.10 -9.54
C ILE A 126 3.90 -11.87 -10.23
N GLU A 127 4.04 -13.19 -10.26
CA GLU A 127 3.04 -14.04 -10.91
C GLU A 127 1.98 -14.40 -9.88
N ILE A 128 0.73 -14.43 -10.32
CA ILE A 128 -0.38 -14.79 -9.45
C ILE A 128 -1.24 -15.90 -10.07
N ASP A 129 -1.53 -16.93 -9.27
CA ASP A 129 -2.33 -18.06 -9.72
C ASP A 129 -3.78 -17.89 -9.31
N VAL A 130 -4.57 -17.39 -10.25
CA VAL A 130 -5.95 -17.02 -10.00
C VAL A 130 -6.87 -18.23 -9.83
N ASP A 131 -6.71 -19.23 -10.69
CA ASP A 131 -7.50 -20.44 -10.61
C ASP A 131 -7.32 -21.17 -9.26
N LYS A 132 -6.11 -21.14 -8.72
CA LYS A 132 -5.84 -21.75 -7.43
C LYS A 132 -6.46 -20.96 -6.27
N LEU A 133 -6.48 -19.63 -6.39
CA LEU A 133 -7.19 -18.80 -5.43
C LEU A 133 -8.69 -19.06 -5.47
N GLU A 134 -9.25 -19.09 -6.68
CA GLU A 134 -10.67 -19.35 -6.85
C GLU A 134 -11.07 -20.68 -6.27
N LYS A 135 -10.25 -21.70 -6.52
CA LYS A 135 -10.53 -23.04 -6.03
C LYS A 135 -10.49 -23.10 -4.50
N ILE A 136 -9.42 -22.59 -3.92
CA ILE A 136 -9.26 -22.52 -2.48
C ILE A 136 -10.39 -21.76 -1.80
N LEU A 137 -10.72 -20.58 -2.30
CA LEU A 137 -11.70 -19.72 -1.64
C LEU A 137 -13.14 -19.99 -2.08
N GLY A 138 -13.31 -20.69 -3.19
CA GLY A 138 -14.63 -20.98 -3.71
C GLY A 138 -15.41 -19.72 -4.10
N VAL A 139 -14.68 -18.64 -4.42
CA VAL A 139 -15.33 -17.41 -4.88
C VAL A 139 -14.69 -17.01 -6.21
N LYS A 140 -15.44 -16.31 -7.04
CA LYS A 140 -14.89 -15.83 -8.31
CA LYS A 140 -14.89 -15.84 -8.32
C LYS A 140 -13.86 -14.72 -8.11
N VAL A 141 -12.83 -14.75 -8.95
CA VAL A 141 -11.74 -13.77 -8.92
C VAL A 141 -11.65 -13.11 -10.29
N VAL A 142 -11.74 -11.78 -10.30
CA VAL A 142 -11.72 -11.01 -11.55
C VAL A 142 -10.44 -10.23 -11.64
N PRO A 143 -9.56 -10.63 -12.56
CA PRO A 143 -8.30 -9.92 -12.72
C PRO A 143 -8.56 -8.60 -13.46
N LEU A 144 -7.90 -7.52 -13.04
CA LEU A 144 -8.03 -6.25 -13.74
C LEU A 144 -6.88 -5.30 -13.50
N SER A 145 -6.90 -4.20 -14.24
CA SER A 145 -5.99 -3.08 -14.06
C SER A 145 -6.83 -1.83 -14.24
N ALA A 146 -7.54 -1.45 -13.18
CA ALA A 146 -8.53 -0.37 -13.27
C ALA A 146 -7.94 0.93 -13.78
N ALA A 147 -6.69 1.22 -13.42
CA ALA A 147 -6.02 2.44 -13.85
C ALA A 147 -5.67 2.42 -15.35
N LYS A 148 -5.63 1.23 -15.93
CA LYS A 148 -5.35 1.07 -17.35
C LYS A 148 -6.65 0.85 -18.15
N LYS A 149 -7.79 1.13 -17.51
CA LYS A 149 -9.09 0.91 -18.13
C LYS A 149 -9.22 -0.53 -18.60
N MET A 150 -8.63 -1.44 -17.83
CA MET A 150 -8.59 -2.85 -18.16
C MET A 150 -9.48 -3.67 -17.22
N GLY A 151 -10.47 -4.34 -17.78
CA GLY A 151 -11.26 -5.33 -17.05
C GLY A 151 -12.47 -4.84 -16.27
N ILE A 152 -12.87 -3.58 -16.48
CA ILE A 152 -14.06 -3.04 -15.81
C ILE A 152 -15.34 -3.68 -16.31
N GLU A 153 -15.40 -3.96 -17.61
CA GLU A 153 -16.50 -4.71 -18.20
C GLU A 153 -16.61 -6.13 -17.62
N GLU A 154 -15.47 -6.78 -17.42
CA GLU A 154 -15.40 -8.09 -16.78
C GLU A 154 -15.97 -8.02 -15.40
N LEU A 155 -15.52 -7.00 -14.65
CA LEU A 155 -15.97 -6.75 -13.29
C LEU A 155 -17.49 -6.61 -13.27
N LYS A 156 -18.03 -5.76 -14.14
CA LYS A 156 -19.49 -5.62 -14.20
C LYS A 156 -20.22 -6.93 -14.51
N LYS A 157 -19.70 -7.71 -15.45
CA LYS A 157 -20.40 -8.96 -15.80
C LYS A 157 -20.36 -9.93 -14.61
N ALA A 158 -19.18 -10.05 -14.01
CA ALA A 158 -18.98 -10.94 -12.86
C ALA A 158 -19.92 -10.55 -11.73
N ILE A 159 -20.07 -9.25 -11.51
CA ILE A 159 -20.99 -8.74 -10.50
C ILE A 159 -22.44 -9.15 -10.78
N SER A 160 -22.88 -8.99 -12.03
CA SER A 160 -24.26 -9.32 -12.40
C SER A 160 -24.52 -10.82 -12.20
N ILE A 161 -23.51 -11.63 -12.41
CA ILE A 161 -23.60 -13.07 -12.15
C ILE A 161 -23.63 -13.36 -10.63
N ALA A 162 -22.66 -12.81 -9.89
CA ALA A 162 -22.52 -13.13 -8.47
C ALA A 162 -23.72 -12.78 -7.58
N VAL A 163 -24.55 -11.83 -8.01
CA VAL A 163 -25.70 -11.41 -7.20
C VAL A 163 -26.82 -12.42 -7.25
N LYS A 164 -26.86 -13.23 -8.31
CA LYS A 164 -27.77 -14.37 -8.38
C LYS A 164 -27.25 -15.38 -7.37
N ASP A 165 -27.36 -16.67 -7.67
CA ASP A 165 -26.73 -17.68 -6.82
C ASP A 165 -26.82 -19.10 -7.35
N LEU A 166 -25.78 -19.88 -7.04
CA LEU A 166 -25.78 -21.32 -7.25
C LEU A 166 -25.38 -22.02 -5.95
N MET B 1 30.91 21.03 12.93
CA MET B 1 30.45 19.70 13.32
C MET B 1 30.57 18.72 12.15
N LYS B 2 30.78 17.44 12.48
CA LYS B 2 31.00 16.40 11.48
C LYS B 2 29.67 15.91 10.87
N SER B 3 29.59 15.94 9.54
CA SER B 3 28.32 15.73 8.85
C SER B 3 28.27 14.48 7.97
N TYR B 4 27.09 13.87 7.88
CA TYR B 4 26.84 12.79 6.93
C TYR B 4 25.58 13.10 6.12
N GLU B 5 25.51 12.61 4.89
CA GLU B 5 24.33 12.86 4.06
C GLU B 5 23.55 11.58 3.85
N ILE B 6 22.26 11.63 4.19
CA ILE B 6 21.39 10.45 4.11
C ILE B 6 20.17 10.73 3.23
N ALA B 7 19.64 9.67 2.62
CA ALA B 7 18.42 9.78 1.82
C ALA B 7 17.48 8.62 2.11
N LEU B 8 16.18 8.91 2.14
CA LEU B 8 15.16 7.87 2.33
C LEU B 8 14.48 7.54 1.01
N ILE B 9 14.27 6.25 0.74
CA ILE B 9 13.58 5.85 -0.47
C ILE B 9 12.82 4.57 -0.21
N GLY B 10 11.65 4.45 -0.83
CA GLY B 10 10.85 3.24 -0.73
C GLY B 10 9.69 3.32 -1.70
N ASN B 11 8.86 2.30 -1.71
CA ASN B 11 7.65 2.31 -2.51
C ASN B 11 6.76 3.41 -1.98
N PRO B 12 5.65 3.69 -2.68
CA PRO B 12 4.66 4.60 -2.13
C PRO B 12 3.96 3.95 -0.95
N ASN B 13 3.44 4.76 -0.04
CA ASN B 13 2.65 4.24 1.09
C ASN B 13 3.37 3.23 1.97
N VAL B 14 4.64 3.46 2.26
CA VAL B 14 5.35 2.60 3.21
C VAL B 14 5.57 3.32 4.52
N GLY B 15 5.06 4.55 4.62
CA GLY B 15 5.18 5.35 5.84
C GLY B 15 6.46 6.15 5.89
N LYS B 16 7.01 6.46 4.72
CA LYS B 16 8.25 7.22 4.65
C LYS B 16 8.11 8.68 5.08
N SER B 17 7.00 9.32 4.73
CA SER B 17 6.78 10.70 5.15
C SER B 17 6.73 10.84 6.67
N THR B 18 6.03 9.91 7.32
CA THR B 18 5.98 9.87 8.77
C THR B 18 7.38 9.70 9.35
N ILE B 19 8.17 8.82 8.74
CA ILE B 19 9.51 8.54 9.25
C ILE B 19 10.45 9.73 9.08
N PHE B 20 10.35 10.40 7.94
CA PHE B 20 11.11 11.61 7.69
C PHE B 20 10.78 12.67 8.72
N ASN B 21 9.50 12.96 8.91
CA ASN B 21 9.10 13.98 9.89
C ASN B 21 9.65 13.70 11.29
N ALA B 22 9.56 12.45 11.73
CA ALA B 22 9.97 12.09 13.08
C ALA B 22 11.47 12.14 13.18
N LEU B 23 12.11 11.71 12.11
CA LEU B 23 13.56 11.63 12.00
C LEU B 23 14.17 13.03 12.06
N THR B 24 13.52 13.98 11.39
CA THR B 24 14.01 15.36 11.31
C THR B 24 13.38 16.25 12.37
N GLY B 25 14.06 17.34 12.70
CA GLY B 25 13.48 18.36 13.55
C GLY B 25 12.36 19.05 12.80
N GLU B 26 11.73 20.03 13.44
CA GLU B 26 10.67 20.80 12.81
C GLU B 26 11.27 21.75 11.78
N ASN B 27 12.57 21.99 11.88
CA ASN B 27 13.29 22.84 10.93
C ASN B 27 13.61 22.07 9.65
N VAL B 28 12.57 21.78 8.88
CA VAL B 28 12.73 21.12 7.59
C VAL B 28 12.87 22.17 6.49
N TYR B 29 13.89 22.02 5.65
CA TYR B 29 14.02 22.86 4.47
C TYR B 29 13.00 22.41 3.43
N ILE B 30 12.30 23.38 2.85
CA ILE B 30 11.28 23.07 1.84
C ILE B 30 11.58 23.75 0.50
N GLY B 31 12.11 22.97 -0.44
CA GLY B 31 12.51 23.48 -1.74
C GLY B 31 12.15 22.54 -2.88
N ASN B 32 12.83 22.67 -4.01
CA ASN B 32 12.48 21.89 -5.20
C ASN B 32 13.65 21.11 -5.81
N TRP B 33 13.34 20.01 -6.47
CA TRP B 33 14.33 19.28 -7.25
C TRP B 33 14.60 20.03 -8.55
N PRO B 34 15.73 19.73 -9.21
CA PRO B 34 16.18 20.37 -10.46
C PRO B 34 15.22 20.21 -11.65
N GLY B 35 14.88 21.33 -12.28
CA GLY B 35 14.07 21.33 -13.49
C GLY B 35 12.67 20.79 -13.30
N VAL B 36 12.26 20.66 -12.04
CA VAL B 36 10.93 20.15 -11.73
C VAL B 36 10.38 20.95 -10.56
N THR B 37 9.05 20.91 -10.37
CA THR B 37 8.42 21.68 -9.30
C THR B 37 8.25 20.82 -8.04
N VAL B 38 8.33 19.50 -8.22
CA VAL B 38 8.29 18.57 -7.10
C VAL B 38 9.21 19.04 -5.98
N GLU B 39 8.66 19.14 -4.78
CA GLU B 39 9.46 19.62 -3.64
C GLU B 39 10.52 18.62 -3.16
N LYS B 40 11.65 19.16 -2.71
CA LYS B 40 12.74 18.34 -2.21
C LYS B 40 12.98 18.66 -0.74
N LYS B 41 12.23 18.00 0.13
CA LYS B 41 12.34 18.24 1.57
C LYS B 41 13.59 17.60 2.14
N GLU B 42 14.31 18.37 2.96
CA GLU B 42 15.43 17.81 3.70
C GLU B 42 15.47 18.37 5.11
N GLY B 43 16.16 17.66 5.99
CA GLY B 43 16.28 18.08 7.37
C GLY B 43 17.53 17.45 7.95
N GLU B 44 17.56 17.34 9.27
CA GLU B 44 18.72 16.78 9.93
C GLU B 44 18.42 16.29 11.33
N PHE B 45 19.24 15.37 11.82
CA PHE B 45 19.21 15.03 13.22
C PHE B 45 20.64 14.93 13.72
N GLU B 46 20.80 14.98 15.03
CA GLU B 46 22.12 14.77 15.62
C GLU B 46 22.11 13.47 16.38
N TYR B 47 23.13 12.64 16.17
CA TYR B 47 23.37 11.47 17.01
C TYR B 47 24.82 11.42 17.47
N ASN B 48 25.03 11.15 18.76
CA ASN B 48 26.37 11.20 19.35
C ASN B 48 27.21 12.42 18.96
N GLY B 49 26.57 13.59 18.96
CA GLY B 49 27.24 14.84 18.62
C GLY B 49 27.54 15.06 17.15
N GLU B 50 27.06 14.17 16.30
CA GLU B 50 27.31 14.30 14.87
C GLU B 50 26.04 14.69 14.14
N LYS B 51 26.19 15.48 13.08
CA LYS B 51 25.06 16.00 12.31
C LYS B 51 24.69 15.06 11.18
N PHE B 52 23.40 14.80 11.00
CA PHE B 52 22.94 13.94 9.92
C PHE B 52 21.92 14.62 9.02
N LYS B 53 22.33 14.91 7.78
CA LYS B 53 21.41 15.53 6.82
C LYS B 53 20.58 14.45 6.11
N VAL B 54 19.28 14.70 6.03
CA VAL B 54 18.34 13.70 5.51
C VAL B 54 17.52 14.27 4.38
N VAL B 55 17.53 13.61 3.22
CA VAL B 55 16.70 14.01 2.08
C VAL B 55 15.66 12.95 1.78
N ASP B 56 14.42 13.38 1.56
CA ASP B 56 13.34 12.45 1.25
C ASP B 56 13.10 12.30 -0.27
N LEU B 57 13.55 11.16 -0.82
CA LEU B 57 13.31 10.86 -2.23
C LEU B 57 11.85 10.49 -2.46
N PRO B 58 11.38 10.63 -3.71
CA PRO B 58 9.98 10.29 -4.03
C PRO B 58 9.76 8.79 -3.93
N GLY B 59 8.52 8.39 -3.66
CA GLY B 59 8.16 6.98 -3.57
C GLY B 59 8.04 6.31 -4.93
N VAL B 60 8.78 5.22 -5.11
CA VAL B 60 8.81 4.52 -6.39
C VAL B 60 8.89 2.99 -6.22
N TYR B 61 8.37 2.27 -7.21
CA TYR B 61 8.39 0.81 -7.17
C TYR B 61 9.64 0.25 -7.86
N SER B 62 10.29 1.12 -8.63
CA SER B 62 11.45 0.76 -9.43
C SER B 62 12.29 1.99 -9.78
N LEU B 63 13.55 1.76 -10.10
CA LEU B 63 14.43 2.83 -10.57
C LEU B 63 14.57 2.79 -12.09
N THR B 64 13.58 2.20 -12.75
CA THR B 64 13.53 2.15 -14.21
C THR B 64 12.73 3.33 -14.73
N ALA B 65 13.41 4.28 -15.36
CA ALA B 65 12.78 5.51 -15.85
C ALA B 65 11.46 5.29 -16.57
N ASN B 66 10.38 5.77 -15.96
CA ASN B 66 9.05 5.72 -16.57
C ASN B 66 8.19 6.85 -16.03
N SER B 67 8.81 7.72 -15.24
CA SER B 67 8.11 8.81 -14.62
C SER B 67 9.11 9.80 -14.09
N ILE B 68 8.68 11.05 -13.97
CA ILE B 68 9.50 12.08 -13.33
C ILE B 68 10.00 11.60 -11.95
N ASP B 69 9.17 10.84 -11.22
CA ASP B 69 9.57 10.35 -9.90
C ASP B 69 10.72 9.35 -9.98
N GLU B 70 10.57 8.33 -10.82
CA GLU B 70 11.63 7.34 -11.00
C GLU B 70 12.88 8.01 -11.56
N ILE B 71 12.69 8.89 -12.54
CA ILE B 71 13.80 9.64 -13.13
C ILE B 71 14.53 10.46 -12.06
N ILE B 72 13.79 11.15 -11.21
CA ILE B 72 14.39 11.90 -10.09
C ILE B 72 15.13 11.01 -9.08
N ALA B 73 14.59 9.82 -8.82
CA ALA B 73 15.21 8.90 -7.87
C ALA B 73 16.53 8.37 -8.40
N ARG B 74 16.51 7.87 -9.62
CA ARG B 74 17.72 7.40 -10.28
C ARG B 74 18.79 8.49 -10.28
N ASP B 75 18.47 9.63 -10.88
CA ASP B 75 19.39 10.76 -10.97
C ASP B 75 20.15 11.05 -9.69
N TYR B 76 19.41 11.19 -8.59
CA TYR B 76 20.01 11.54 -7.31
C TYR B 76 21.00 10.47 -6.84
N ILE B 77 20.68 9.21 -7.10
CA ILE B 77 21.48 8.10 -6.59
C ILE B 77 22.94 8.16 -7.09
N ILE B 78 23.15 8.81 -8.23
CA ILE B 78 24.48 8.92 -8.81
C ILE B 78 25.05 10.32 -8.62
N ASN B 79 24.49 11.27 -9.37
CA ASN B 79 24.95 12.66 -9.35
C ASN B 79 25.23 13.14 -7.93
N GLU B 80 24.40 12.66 -7.01
CA GLU B 80 24.61 12.93 -5.59
C GLU B 80 25.21 11.68 -4.94
N LYS B 81 26.18 11.89 -4.08
CA LYS B 81 26.80 10.79 -3.37
C LYS B 81 26.35 10.76 -1.92
N PRO B 82 25.21 10.10 -1.67
CA PRO B 82 24.69 9.98 -0.31
C PRO B 82 25.58 9.00 0.44
N ASP B 83 26.03 9.37 1.63
CA ASP B 83 26.80 8.45 2.45
C ASP B 83 26.00 7.18 2.72
N LEU B 84 24.68 7.32 2.77
CA LEU B 84 23.82 6.20 3.08
C LEU B 84 22.42 6.39 2.49
N VAL B 85 21.87 5.34 1.91
CA VAL B 85 20.46 5.37 1.55
C VAL B 85 19.68 4.40 2.44
N VAL B 86 18.65 4.93 3.10
CA VAL B 86 17.81 4.15 3.99
C VAL B 86 16.56 3.72 3.24
N ASN B 87 16.46 2.42 3.00
CA ASN B 87 15.41 1.86 2.17
C ASN B 87 14.29 1.41 3.08
N ILE B 88 13.20 2.18 3.09
CA ILE B 88 12.04 1.88 3.91
C ILE B 88 11.11 0.89 3.23
N VAL B 89 10.83 -0.20 3.92
CA VAL B 89 10.12 -1.33 3.32
C VAL B 89 8.89 -1.69 4.14
N ASP B 90 7.85 -2.03 3.42
CA ASP B 90 6.57 -2.38 4.01
C ASP B 90 6.56 -3.89 4.28
N ALA B 91 6.48 -4.25 5.56
CA ALA B 91 6.51 -5.65 5.99
C ALA B 91 5.24 -6.39 5.58
N THR B 92 4.19 -5.65 5.31
CA THR B 92 2.92 -6.24 4.87
C THR B 92 2.91 -6.65 3.37
N ALA B 93 3.94 -6.26 2.63
CA ALA B 93 4.05 -6.57 1.20
C ALA B 93 5.51 -6.67 0.82
N LEU B 94 6.22 -7.57 1.49
CA LEU B 94 7.67 -7.64 1.40
C LEU B 94 8.18 -7.87 -0.01
N GLU B 95 7.72 -8.94 -0.65
CA GLU B 95 8.21 -9.31 -1.98
C GLU B 95 8.17 -8.11 -2.93
N ARG B 96 7.00 -7.48 -3.03
CA ARG B 96 6.85 -6.38 -3.96
C ARG B 96 7.79 -5.22 -3.64
N ASN B 97 8.07 -5.03 -2.35
CA ASN B 97 9.02 -3.99 -1.94
C ASN B 97 10.46 -4.27 -2.33
N LEU B 98 10.86 -5.54 -2.35
CA LEU B 98 12.25 -5.90 -2.59
C LEU B 98 12.72 -5.75 -4.05
N TYR B 99 11.80 -5.48 -4.97
CA TYR B 99 12.17 -5.20 -6.37
C TYR B 99 13.04 -3.94 -6.43
N LEU B 100 12.59 -2.86 -5.81
CA LEU B 100 13.43 -1.67 -5.70
C LEU B 100 14.73 -1.98 -4.96
N THR B 101 14.63 -2.77 -3.89
CA THR B 101 15.77 -3.09 -3.04
C THR B 101 16.91 -3.74 -3.85
N LEU B 102 16.59 -4.79 -4.61
CA LEU B 102 17.61 -5.47 -5.39
C LEU B 102 18.28 -4.54 -6.40
N GLN B 103 17.50 -3.57 -6.89
CA GLN B 103 18.01 -2.61 -7.86
C GLN B 103 19.03 -1.66 -7.22
N LEU B 104 18.75 -1.23 -5.99
CA LEU B 104 19.63 -0.31 -5.27
C LEU B 104 20.96 -0.97 -4.97
N MET B 105 20.90 -2.26 -4.66
CA MET B 105 22.11 -3.02 -4.41
C MET B 105 22.93 -3.20 -5.68
N GLU B 106 22.24 -3.43 -6.79
CA GLU B 106 22.91 -3.61 -8.08
C GLU B 106 23.80 -2.43 -8.43
N MET B 107 23.40 -1.23 -8.00
CA MET B 107 24.14 -0.01 -8.36
C MET B 107 25.13 0.43 -7.28
N GLY B 108 25.47 -0.46 -6.37
CA GLY B 108 26.44 -0.16 -5.32
C GLY B 108 26.04 0.93 -4.33
N ALA B 109 24.75 1.17 -4.18
CA ALA B 109 24.28 2.07 -3.13
C ALA B 109 24.68 1.52 -1.77
N ASN B 110 25.07 2.41 -0.85
CA ASN B 110 25.30 2.03 0.53
C ASN B 110 23.96 1.97 1.25
N LEU B 111 23.56 0.77 1.64
CA LEU B 111 22.15 0.53 1.98
C LEU B 111 21.92 0.20 3.46
N LEU B 112 20.82 0.71 3.99
CA LEU B 112 20.33 0.25 5.28
C LEU B 112 18.81 0.11 5.15
N LEU B 113 18.28 -1.04 5.56
CA LEU B 113 16.86 -1.30 5.45
C LEU B 113 16.11 -0.98 6.73
N ALA B 114 15.04 -0.19 6.59
CA ALA B 114 14.13 0.07 7.69
C ALA B 114 12.80 -0.63 7.42
N LEU B 115 12.59 -1.74 8.15
CA LEU B 115 11.38 -2.55 8.04
C LEU B 115 10.23 -1.98 8.85
N ASN B 116 9.24 -1.46 8.14
CA ASN B 116 8.13 -0.71 8.74
C ASN B 116 6.84 -1.50 8.74
N LYS B 117 5.90 -1.08 9.57
CA LYS B 117 4.59 -1.69 9.69
C LYS B 117 4.67 -3.17 10.10
N MET B 118 5.62 -3.50 10.97
CA MET B 118 5.73 -4.87 11.45
C MET B 118 4.56 -5.30 12.34
N ASP B 119 4.08 -4.38 13.18
CA ASP B 119 2.91 -4.68 14.00
C ASP B 119 1.65 -4.93 13.17
N LEU B 120 1.46 -4.14 12.11
CA LEU B 120 0.34 -4.36 11.22
C LEU B 120 0.48 -5.74 10.58
N ALA B 121 1.66 -6.01 10.04
CA ALA B 121 1.94 -7.28 9.36
C ALA B 121 1.68 -8.44 10.28
N LYS B 122 2.15 -8.38 11.51
CA LYS B 122 1.94 -9.50 12.42
C LYS B 122 0.46 -9.70 12.69
N SER B 123 -0.26 -8.61 12.90
CA SER B 123 -1.69 -8.70 13.10
C SER B 123 -2.42 -9.28 11.88
N LEU B 124 -1.76 -9.34 10.73
CA LEU B 124 -2.44 -9.87 9.56
C LEU B 124 -1.86 -11.22 9.15
N GLY B 125 -1.08 -11.82 10.05
CA GLY B 125 -0.59 -13.16 9.88
C GLY B 125 0.74 -13.20 9.17
N ILE B 126 1.38 -12.03 9.05
CA ILE B 126 2.66 -11.96 8.36
C ILE B 126 3.80 -11.60 9.31
N GLU B 127 4.77 -12.49 9.44
CA GLU B 127 5.95 -12.23 10.26
C GLU B 127 7.21 -12.42 9.44
N ILE B 128 8.18 -11.53 9.61
CA ILE B 128 9.39 -11.56 8.81
C ILE B 128 10.60 -12.03 9.62
N ASP B 129 11.35 -12.99 9.09
CA ASP B 129 12.59 -13.45 9.71
C ASP B 129 13.65 -12.41 9.42
N VAL B 130 13.73 -11.43 10.31
CA VAL B 130 14.66 -10.32 10.14
C VAL B 130 16.05 -10.84 9.86
N ASP B 131 16.53 -11.73 10.73
CA ASP B 131 17.88 -12.30 10.61
C ASP B 131 18.10 -12.99 9.27
N LYS B 132 17.09 -13.69 8.77
CA LYS B 132 17.22 -14.36 7.48
C LYS B 132 17.34 -13.32 6.35
N LEU B 133 16.44 -12.34 6.37
CA LEU B 133 16.45 -11.28 5.36
C LEU B 133 17.83 -10.61 5.26
N GLU B 134 18.43 -10.32 6.41
CA GLU B 134 19.78 -9.77 6.44
C GLU B 134 20.78 -10.68 5.73
N LYS B 135 20.60 -11.99 5.87
CA LYS B 135 21.47 -12.95 5.18
C LYS B 135 21.26 -12.94 3.68
N ILE B 136 20.00 -12.89 3.27
CA ILE B 136 19.67 -12.96 1.84
C ILE B 136 20.13 -11.72 1.09
N LEU B 137 19.91 -10.56 1.70
CA LEU B 137 20.21 -9.30 1.03
C LEU B 137 21.65 -8.87 1.22
N GLY B 138 22.25 -9.27 2.33
CA GLY B 138 23.57 -8.80 2.69
C GLY B 138 23.47 -7.37 3.19
N VAL B 139 22.28 -7.00 3.64
CA VAL B 139 22.01 -5.66 4.12
C VAL B 139 21.51 -5.71 5.56
N LYS B 140 21.87 -4.69 6.34
CA LYS B 140 21.45 -4.65 7.73
C LYS B 140 20.03 -4.12 7.76
N VAL B 141 19.20 -4.72 8.61
CA VAL B 141 17.80 -4.39 8.69
C VAL B 141 17.45 -3.85 10.06
N VAL B 142 16.88 -2.65 10.11
CA VAL B 142 16.37 -2.14 11.38
C VAL B 142 14.85 -2.23 11.47
N PRO B 143 14.37 -3.10 12.37
CA PRO B 143 12.93 -3.30 12.56
C PRO B 143 12.33 -2.08 13.19
N LEU B 144 11.09 -1.75 12.80
CA LEU B 144 10.32 -0.68 13.43
C LEU B 144 9.03 -1.25 13.96
N SER B 145 8.89 -1.21 15.28
CA SER B 145 7.76 -1.83 15.95
C SER B 145 7.51 -1.07 17.24
N ALA B 146 6.35 -0.42 17.33
CA ALA B 146 5.95 0.23 18.56
C ALA B 146 5.81 -0.86 19.62
N ALA B 147 5.09 -1.91 19.27
CA ALA B 147 4.86 -3.01 20.18
C ALA B 147 6.15 -3.46 20.87
N LYS B 148 7.27 -3.35 20.17
CA LYS B 148 8.54 -3.88 20.67
C LYS B 148 9.54 -2.81 21.14
N LYS B 149 9.08 -1.56 21.16
CA LYS B 149 9.92 -0.42 21.59
C LYS B 149 11.04 -0.09 20.62
N MET B 150 10.87 -0.46 19.34
CA MET B 150 11.83 -0.15 18.30
C MET B 150 11.34 1.01 17.47
N GLY B 151 11.81 2.20 17.79
CA GLY B 151 11.24 3.40 17.22
C GLY B 151 12.25 4.20 16.46
N ILE B 152 11.98 5.50 16.37
CA ILE B 152 12.82 6.41 15.60
C ILE B 152 14.22 6.52 16.19
N GLU B 153 14.35 6.43 17.51
CA GLU B 153 15.66 6.50 18.15
C GLU B 153 16.52 5.32 17.75
N GLU B 154 15.92 4.14 17.64
CA GLU B 154 16.61 2.97 17.10
C GLU B 154 17.16 3.23 15.69
N LEU B 155 16.37 3.90 14.86
CA LEU B 155 16.76 4.13 13.47
C LEU B 155 17.89 5.14 13.39
N LYS B 156 17.82 6.17 14.24
CA LYS B 156 18.90 7.14 14.31
C LYS B 156 20.20 6.46 14.70
N LYS B 157 20.17 5.64 15.76
CA LYS B 157 21.36 4.86 16.14
C LYS B 157 21.87 3.97 15.00
N ALA B 158 20.98 3.20 14.38
CA ALA B 158 21.38 2.32 13.28
C ALA B 158 22.02 3.09 12.13
N ILE B 159 21.45 4.24 11.78
CA ILE B 159 22.01 5.04 10.71
C ILE B 159 23.43 5.41 11.06
N SER B 160 23.61 5.93 12.27
CA SER B 160 24.91 6.34 12.75
C SER B 160 25.94 5.22 12.63
N ILE B 161 25.57 4.04 13.10
CA ILE B 161 26.45 2.87 13.03
C ILE B 161 26.74 2.53 11.57
N ALA B 162 25.72 2.64 10.73
CA ALA B 162 25.82 2.25 9.33
C ALA B 162 26.80 3.10 8.51
N VAL B 163 26.86 4.39 8.79
CA VAL B 163 27.82 5.25 8.11
C VAL B 163 29.23 4.90 8.59
N LYS B 164 29.31 4.26 9.77
CA LYS B 164 30.56 3.72 10.26
C LYS B 164 30.87 2.41 9.56
N ASP B 165 30.65 2.37 8.25
CA ASP B 165 30.89 1.18 7.43
C ASP B 165 31.02 -0.09 8.26
N LEU B 166 29.91 -0.52 8.87
CA LEU B 166 29.91 -1.67 9.77
C LEU B 166 30.90 -2.76 9.37
PB GDP C . -7.70 3.53 -2.84
O1B GDP C . -8.88 4.45 -3.05
O2B GDP C . -8.17 2.15 -2.42
O3B GDP C . -6.78 4.11 -1.79
O3A GDP C . -6.88 3.46 -4.20
PA GDP C . -6.91 4.70 -5.24
O1A GDP C . -6.80 6.01 -4.52
O2A GDP C . -8.13 4.62 -6.14
O5' GDP C . -5.57 4.37 -6.05
C5' GDP C . -4.33 4.46 -5.36
C4' GDP C . -3.22 4.46 -6.38
O4' GDP C . -3.24 3.20 -7.05
C3' GDP C . -3.50 5.54 -7.42
O3' GDP C . -2.40 6.45 -7.49
C2' GDP C . -3.69 4.80 -8.73
O2' GDP C . -3.01 5.43 -9.83
C1' GDP C . -3.13 3.42 -8.46
N9 GDP C . -3.91 2.45 -9.23
C8 GDP C . -5.25 2.28 -9.23
N7 GDP C . -5.61 1.27 -10.08
C5 GDP C . -4.47 0.80 -10.63
C6 GDP C . -4.09 -0.25 -11.60
O6 GDP C . -4.96 -0.96 -12.13
N1 GDP C . -2.81 -0.43 -11.90
C2 GDP C . -1.82 0.32 -11.36
N2 GDP C . -0.54 0.08 -11.72
N3 GDP C . -2.09 1.30 -10.45
C4 GDP C . -3.35 1.58 -10.07
MG MG D . -18.52 7.47 -11.88
MG MG E . -17.52 5.50 -14.72
CAC FLC F . 3.48 8.57 5.29
CA FLC F . 2.47 8.70 4.17
CB FLC F . 3.11 8.35 2.84
CBC FLC F . 3.85 7.03 2.93
CG FLC F . 2.01 8.19 1.78
CGC FLC F . 2.58 8.36 0.40
OA1 FLC F . 4.69 8.48 5.00
OA2 FLC F . 3.07 8.59 6.47
OB1 FLC F . 3.29 6.10 3.57
OB2 FLC F . 4.96 6.90 2.37
OG1 FLC F . 3.40 7.50 -0.02
OG2 FLC F . 2.23 9.35 -0.27
OHB FLC F . 4.02 9.39 2.46
MG MG G . 9.86 16.98 13.19
#